data_7VT8
#
_entry.id   7VT8
#
_cell.length_a   144.929
_cell.length_b   144.929
_cell.length_c   197.568
_cell.angle_alpha   90.000
_cell.angle_beta   90.000
_cell.angle_gamma   90.000
#
_symmetry.space_group_name_H-M   'I 4 2 2'
#
loop_
_entity.id
_entity.type
_entity.pdbx_description
1 polymer 'Endoglucanase H'
2 non-polymer beta-D-glucopyranose
3 non-polymer 'SULFATE ION'
4 water water
#
_entity_poly.entity_id   1
_entity_poly.type   'polypeptide(L)'
_entity_poly.pdbx_seq_one_letter_code
;MGCQSTQLQTPAPDTGGIVELNRQLGRGVNLGNALEAPWEGAWGVRLEEGFFELIREAGFKTIRLPVSWTHHAGRAAPYT
IDPAFFSRVDWAVTQATRRGLNIVVNVHHYDELNANPQAEEARYLSIWRQIAERYRNQPGSVYFELLNEPHGRFNDNPQL
WNDLLAKALRVVRESNPSRAVIVGPVGWNSLWRLSELRLPDDPNLIVTFHYYDPLEFTHQGAEWLNPVPPTGVVWRENQG
AFAAGWQNWSWGSRVGFVGEALEITYQEGWAGFYLHSDAGVEGYDRLAFRTSAPVSLQVSCRRDAPAKAVTTSGGVETVV
NLSECGNPSRLTDLILQNNSPNARAAFRLERLELRGPGSPLALLTHQQNAIAQAMEFAQRWAEQNRRPIFVGEFGAYEKG
DLDSRVRWTGAVRSELEKRNFSWAYWEFAAGFGIYDRTTRQWRTPLLKALVPEQPKLAAALEHHHHHH
;
_entity_poly.pdbx_strand_id   A
#
loop_
_chem_comp.id
_chem_comp.type
_chem_comp.name
_chem_comp.formula
BGC D-saccharide, beta linking beta-D-glucopyranose 'C6 H12 O6'
SO4 non-polymer 'SULFATE ION' 'O4 S -2'
#
# COMPACT_ATOMS: atom_id res chain seq x y z
N GLY A 17 -13.38 19.26 -12.35
CA GLY A 17 -12.39 18.26 -12.68
C GLY A 17 -12.09 17.31 -11.53
N ILE A 18 -11.95 16.02 -11.85
CA ILE A 18 -11.67 15.03 -10.82
C ILE A 18 -10.27 15.23 -10.23
N VAL A 19 -9.32 15.70 -11.05
CA VAL A 19 -7.97 15.99 -10.55
C VAL A 19 -8.03 17.10 -9.52
N GLU A 20 -8.88 18.09 -9.74
CA GLU A 20 -9.00 19.19 -8.78
C GLU A 20 -9.58 18.69 -7.45
N LEU A 21 -10.54 17.76 -7.51
CA LEU A 21 -11.08 17.20 -6.27
C LEU A 21 -10.03 16.39 -5.53
N ASN A 22 -9.29 15.54 -6.26
CA ASN A 22 -8.24 14.75 -5.62
C ASN A 22 -7.15 15.63 -5.03
N ARG A 23 -6.88 16.78 -5.65
CA ARG A 23 -5.92 17.73 -5.09
C ARG A 23 -6.50 18.48 -3.90
N GLN A 24 -7.81 18.72 -3.89
CA GLN A 24 -8.46 19.31 -2.73
C GLN A 24 -8.45 18.35 -1.55
N LEU A 25 -8.37 17.04 -1.82
CA LEU A 25 -8.14 16.09 -0.74
C LEU A 25 -6.87 16.44 0.03
N GLY A 26 -5.74 16.47 -0.67
CA GLY A 26 -4.51 16.95 -0.05
C GLY A 26 -4.06 16.07 1.09
N ARG A 27 -3.88 16.69 2.26
CA ARG A 27 -3.46 15.99 3.46
C ARG A 27 -4.69 15.66 4.31
N GLY A 28 -4.71 14.43 4.85
CA GLY A 28 -5.80 14.03 5.71
C GLY A 28 -5.35 12.98 6.70
N VAL A 29 -6.30 12.55 7.55
CA VAL A 29 -6.02 11.58 8.59
C VAL A 29 -7.25 10.71 8.78
N ASN A 30 -7.04 9.51 9.30
CA ASN A 30 -8.11 8.53 9.52
C ASN A 30 -8.59 8.61 10.96
N LEU A 31 -9.91 8.59 11.14
CA LEU A 31 -10.51 8.37 12.46
C LEU A 31 -10.65 6.87 12.65
N GLY A 32 -9.52 6.23 13.00
CA GLY A 32 -9.45 4.79 13.07
C GLY A 32 -9.87 4.22 14.41
N ASN A 33 -10.09 2.90 14.41
CA ASN A 33 -10.54 2.17 15.59
C ASN A 33 -11.83 2.75 16.15
N ALA A 34 -12.68 3.30 15.27
CA ALA A 34 -13.90 3.96 15.69
C ALA A 34 -15.07 3.29 14.98
N LEU A 35 -15.60 3.88 13.91
CA LEU A 35 -16.80 3.37 13.28
C LEU A 35 -16.57 2.13 12.43
N GLU A 36 -15.31 1.78 12.13
CA GLU A 36 -15.06 0.54 11.42
C GLU A 36 -15.09 -0.67 12.35
N ALA A 37 -15.16 -0.45 13.66
CA ALA A 37 -15.30 -1.53 14.62
C ALA A 37 -16.73 -2.06 14.58
N PRO A 38 -17.00 -3.19 15.25
CA PRO A 38 -18.39 -3.66 15.36
C PRO A 38 -19.35 -2.62 15.91
N TRP A 39 -18.87 -1.72 16.75
CA TRP A 39 -19.62 -0.55 17.18
C TRP A 39 -18.64 0.53 17.60
N GLU A 40 -19.13 1.76 17.67
CA GLU A 40 -18.25 2.89 17.97
C GLU A 40 -17.66 2.74 19.36
N GLY A 41 -16.33 2.79 19.44
CA GLY A 41 -15.62 2.62 20.69
C GLY A 41 -15.25 1.20 21.03
N ALA A 42 -15.71 0.22 20.24
CA ALA A 42 -15.38 -1.17 20.52
C ALA A 42 -13.89 -1.45 20.40
N TRP A 43 -13.18 -0.68 19.57
CA TRP A 43 -11.75 -0.88 19.36
C TRP A 43 -10.92 0.23 20.01
N GLY A 44 -11.50 1.04 20.89
CA GLY A 44 -10.76 1.94 21.74
C GLY A 44 -11.04 3.42 21.52
N VAL A 45 -11.61 3.81 20.38
CA VAL A 45 -11.75 5.21 20.03
C VAL A 45 -13.23 5.53 19.85
N ARG A 46 -13.72 6.46 20.66
CA ARG A 46 -15.02 7.08 20.46
C ARG A 46 -14.82 8.47 19.86
N LEU A 47 -15.69 8.83 18.92
CA LEU A 47 -15.54 10.10 18.22
C LEU A 47 -16.05 11.24 19.09
N GLU A 48 -15.27 12.32 19.16
CA GLU A 48 -15.61 13.51 19.91
C GLU A 48 -15.63 14.72 18.98
N GLU A 49 -16.41 15.73 19.35
CA GLU A 49 -16.50 16.94 18.53
C GLU A 49 -15.18 17.68 18.46
N GLY A 50 -14.34 17.55 19.48
CA GLY A 50 -13.08 18.26 19.51
C GLY A 50 -12.02 17.71 18.59
N PHE A 51 -12.13 16.44 18.19
CA PHE A 51 -11.15 15.85 17.28
C PHE A 51 -11.16 16.56 15.94
N PHE A 52 -12.34 16.93 15.44
CA PHE A 52 -12.43 17.62 14.16
C PHE A 52 -11.73 18.97 14.22
N GLU A 53 -11.94 19.73 15.30
CA GLU A 53 -11.27 21.01 15.45
C GLU A 53 -9.77 20.84 15.60
N LEU A 54 -9.33 19.81 16.32
CA LEU A 54 -7.91 19.54 16.46
C LEU A 54 -7.28 19.22 15.10
N ILE A 55 -7.98 18.44 14.27
CA ILE A 55 -7.45 18.09 12.96
C ILE A 55 -7.43 19.30 12.04
N ARG A 56 -8.43 20.18 12.16
CA ARG A 56 -8.44 21.40 11.36
C ARG A 56 -7.31 22.34 11.78
N GLU A 57 -7.00 22.38 13.08
CA GLU A 57 -5.92 23.25 13.57
C GLU A 57 -4.55 22.69 13.21
N ALA A 58 -4.39 21.36 13.23
CA ALA A 58 -3.09 20.75 12.96
C ALA A 58 -2.61 21.01 11.54
N GLY A 59 -3.50 21.36 10.62
CA GLY A 59 -3.13 21.65 9.25
C GLY A 59 -3.73 20.72 8.22
N PHE A 60 -4.49 19.69 8.61
CA PHE A 60 -5.07 18.78 7.65
C PHE A 60 -6.28 19.42 6.96
N LYS A 61 -6.68 18.82 5.84
CA LYS A 61 -7.84 19.27 5.08
C LYS A 61 -8.90 18.19 4.89
N THR A 62 -8.56 16.92 5.09
CA THR A 62 -9.48 15.82 4.83
C THR A 62 -9.53 14.91 6.04
N ILE A 63 -10.67 14.24 6.22
CA ILE A 63 -10.86 13.22 7.24
C ILE A 63 -11.46 12.00 6.56
N ARG A 64 -10.71 10.91 6.50
CA ARG A 64 -11.24 9.64 6.01
C ARG A 64 -11.92 8.93 7.17
N LEU A 65 -13.17 8.50 6.95
CA LEU A 65 -14.01 7.96 8.00
C LEU A 65 -14.26 6.48 7.78
N PRO A 66 -13.43 5.59 8.34
CA PRO A 66 -13.71 4.15 8.22
C PRO A 66 -15.02 3.77 8.91
N VAL A 67 -15.94 3.21 8.13
CA VAL A 67 -17.24 2.81 8.62
C VAL A 67 -17.53 1.39 8.12
N SER A 68 -17.83 0.49 9.06
CA SER A 68 -18.22 -0.88 8.73
C SER A 68 -19.73 -1.00 8.91
N TRP A 69 -20.44 -1.07 7.79
CA TRP A 69 -21.91 -1.06 7.81
C TRP A 69 -22.52 -2.44 8.02
N THR A 70 -21.74 -3.52 7.90
CA THR A 70 -22.30 -4.85 7.96
C THR A 70 -22.85 -5.19 9.35
N HIS A 71 -22.42 -4.49 10.39
CA HIS A 71 -22.93 -4.71 11.73
C HIS A 71 -24.20 -3.90 12.03
N HIS A 72 -24.53 -2.92 11.20
CA HIS A 72 -25.64 -2.02 11.44
C HIS A 72 -26.67 -2.05 10.30
N ALA A 73 -26.75 -3.18 9.60
CA ALA A 73 -27.69 -3.35 8.51
C ALA A 73 -28.37 -4.71 8.64
N GLY A 74 -29.61 -4.78 8.17
CA GLY A 74 -30.36 -6.02 8.27
C GLY A 74 -29.75 -7.13 7.42
N ARG A 75 -29.86 -8.36 7.94
CA ARG A 75 -29.34 -9.52 7.21
C ARG A 75 -30.25 -9.92 6.06
N ALA A 76 -31.54 -9.63 6.16
CA ALA A 76 -32.50 -9.92 5.10
C ALA A 76 -32.82 -8.65 4.32
N ALA A 77 -33.30 -8.84 3.10
CA ALA A 77 -33.66 -7.72 2.25
C ALA A 77 -34.80 -6.92 2.88
N PRO A 78 -34.84 -5.60 2.66
CA PRO A 78 -33.94 -4.80 1.82
C PRO A 78 -32.66 -4.34 2.51
N TYR A 79 -32.24 -5.04 3.57
CA TYR A 79 -30.98 -4.76 4.26
C TYR A 79 -30.90 -3.30 4.72
N THR A 80 -31.90 -2.88 5.48
CA THR A 80 -31.96 -1.49 5.94
C THR A 80 -30.89 -1.24 7.00
N ILE A 81 -30.23 -0.09 6.89
CA ILE A 81 -29.23 0.33 7.86
C ILE A 81 -29.92 0.98 9.05
N ASP A 82 -29.42 0.69 10.25
CA ASP A 82 -29.98 1.23 11.48
C ASP A 82 -29.97 2.76 11.45
N PRO A 83 -31.12 3.40 11.63
CA PRO A 83 -31.16 4.87 11.54
C PRO A 83 -30.25 5.59 12.53
N ALA A 84 -30.02 5.02 13.72
CA ALA A 84 -29.15 5.70 14.68
C ALA A 84 -27.70 5.72 14.20
N PHE A 85 -27.25 4.64 13.59
CA PHE A 85 -25.92 4.61 12.99
C PHE A 85 -25.82 5.63 11.87
N PHE A 86 -26.88 5.78 11.08
CA PHE A 86 -26.92 6.80 10.04
C PHE A 86 -26.84 8.19 10.64
N SER A 87 -27.50 8.41 11.79
CA SER A 87 -27.41 9.70 12.45
C SER A 87 -25.98 9.96 12.94
N ARG A 88 -25.31 8.90 13.41
CA ARG A 88 -23.92 9.05 13.84
C ARG A 88 -23.03 9.47 12.66
N VAL A 89 -23.20 8.81 11.52
CA VAL A 89 -22.39 9.16 10.35
C VAL A 89 -22.75 10.56 9.85
N ASP A 90 -24.03 10.95 9.96
CA ASP A 90 -24.42 12.31 9.61
C ASP A 90 -23.75 13.33 10.51
N TRP A 91 -23.68 13.03 11.81
CA TRP A 91 -22.95 13.90 12.73
C TRP A 91 -21.49 14.02 12.33
N ALA A 92 -20.86 12.91 11.95
CA ALA A 92 -19.47 12.96 11.51
C ALA A 92 -19.30 13.85 10.28
N VAL A 93 -20.15 13.65 9.27
CA VAL A 93 -20.05 14.44 8.04
C VAL A 93 -20.31 15.91 8.31
N THR A 94 -21.27 16.20 9.19
CA THR A 94 -21.60 17.59 9.50
C THR A 94 -20.46 18.26 10.27
N GLN A 95 -19.83 17.54 11.19
CA GLN A 95 -18.68 18.11 11.89
C GLN A 95 -17.51 18.32 10.95
N ALA A 96 -17.35 17.46 9.94
CA ALA A 96 -16.29 17.66 8.97
C ALA A 96 -16.55 18.87 8.08
N THR A 97 -17.80 19.02 7.61
CA THR A 97 -18.11 20.13 6.70
C THR A 97 -18.15 21.46 7.43
N ARG A 98 -18.63 21.46 8.67
CA ARG A 98 -18.72 22.69 9.46
C ARG A 98 -17.35 23.31 9.69
N ARG A 99 -16.30 22.50 9.70
CA ARG A 99 -14.93 22.98 9.89
C ARG A 99 -14.13 23.02 8.59
N GLY A 100 -14.81 23.26 7.47
CA GLY A 100 -14.16 23.39 6.17
C GLY A 100 -13.38 22.18 5.70
N LEU A 101 -13.56 21.01 6.31
CA LEU A 101 -12.81 19.82 5.94
C LEU A 101 -13.58 18.96 4.95
N ASN A 102 -12.83 18.22 4.12
CA ASN A 102 -13.44 17.17 3.33
C ASN A 102 -13.59 15.91 4.19
N ILE A 103 -14.43 14.99 3.74
CA ILE A 103 -14.64 13.74 4.46
C ILE A 103 -14.89 12.63 3.46
N VAL A 104 -14.20 11.50 3.64
CA VAL A 104 -14.32 10.34 2.77
C VAL A 104 -15.10 9.28 3.54
N VAL A 105 -16.34 9.03 3.13
CA VAL A 105 -17.14 7.96 3.68
C VAL A 105 -16.88 6.71 2.84
N ASN A 106 -16.55 5.61 3.50
CA ASN A 106 -16.19 4.39 2.81
C ASN A 106 -16.97 3.22 3.36
N VAL A 107 -16.93 2.12 2.63
CA VAL A 107 -17.30 0.82 3.18
C VAL A 107 -16.01 0.12 3.57
N HIS A 108 -15.75 0.05 4.87
CA HIS A 108 -14.48 -0.46 5.36
C HIS A 108 -14.50 -1.97 5.50
N HIS A 109 -14.50 -2.46 6.74
CA HIS A 109 -14.47 -3.91 6.96
C HIS A 109 -15.80 -4.54 6.58
N TYR A 110 -15.71 -5.70 5.94
CA TYR A 110 -16.88 -6.44 5.47
C TYR A 110 -16.48 -7.88 5.21
N ASP A 111 -16.30 -8.65 6.28
CA ASP A 111 -15.77 -10.02 6.15
C ASP A 111 -16.69 -10.91 5.33
N GLU A 112 -18.01 -10.72 5.44
CA GLU A 112 -18.94 -11.54 4.68
C GLU A 112 -18.80 -11.29 3.18
N LEU A 113 -18.51 -10.05 2.79
CA LEU A 113 -18.35 -9.75 1.38
C LEU A 113 -17.03 -10.32 0.84
N ASN A 114 -15.96 -10.21 1.62
CA ASN A 114 -14.66 -10.72 1.17
C ASN A 114 -14.63 -12.25 1.15
N ALA A 115 -15.42 -12.90 2.02
CA ALA A 115 -15.43 -14.35 2.07
C ALA A 115 -16.42 -14.97 1.09
N ASN A 116 -17.47 -14.23 0.71
CA ASN A 116 -18.46 -14.74 -0.24
C ASN A 116 -19.04 -13.55 -0.99
N PRO A 117 -18.37 -13.10 -2.05
CA PRO A 117 -18.87 -11.91 -2.77
C PRO A 117 -20.19 -12.16 -3.48
N GLN A 118 -20.40 -13.35 -4.05
CA GLN A 118 -21.61 -13.60 -4.82
C GLN A 118 -22.85 -13.51 -3.93
N ALA A 119 -22.81 -14.14 -2.75
CA ALA A 119 -23.97 -14.16 -1.87
C ALA A 119 -24.21 -12.82 -1.19
N GLU A 120 -23.13 -12.12 -0.84
CA GLU A 120 -23.20 -10.85 -0.13
C GLU A 120 -23.35 -9.65 -1.08
N GLU A 121 -23.36 -9.90 -2.40
CA GLU A 121 -23.36 -8.80 -3.36
C GLU A 121 -24.63 -7.96 -3.26
N ALA A 122 -25.79 -8.60 -3.14
CA ALA A 122 -27.04 -7.85 -3.07
C ALA A 122 -27.09 -6.96 -1.84
N ARG A 123 -26.66 -7.50 -0.69
CA ARG A 123 -26.64 -6.70 0.54
C ARG A 123 -25.67 -5.53 0.43
N TYR A 124 -24.49 -5.78 -0.15
CA TYR A 124 -23.52 -4.71 -0.34
C TYR A 124 -24.07 -3.62 -1.25
N LEU A 125 -24.72 -4.01 -2.34
CA LEU A 125 -25.28 -3.03 -3.27
C LEU A 125 -26.41 -2.24 -2.61
N SER A 126 -27.24 -2.90 -1.81
CA SER A 126 -28.30 -2.18 -1.11
C SER A 126 -27.73 -1.20 -0.10
N ILE A 127 -26.69 -1.60 0.63
CA ILE A 127 -26.03 -0.70 1.56
C ILE A 127 -25.50 0.53 0.83
N TRP A 128 -24.84 0.31 -0.31
CA TRP A 128 -24.30 1.46 -1.05
C TRP A 128 -25.41 2.32 -1.63
N ARG A 129 -26.53 1.72 -2.04
CA ARG A 129 -27.66 2.51 -2.50
C ARG A 129 -28.18 3.42 -1.39
N GLN A 130 -28.33 2.87 -0.18
CA GLN A 130 -28.78 3.68 0.94
C GLN A 130 -27.80 4.82 1.21
N ILE A 131 -26.50 4.51 1.23
CA ILE A 131 -25.50 5.54 1.52
C ILE A 131 -25.52 6.63 0.47
N ALA A 132 -25.61 6.24 -0.81
CA ALA A 132 -25.57 7.23 -1.89
C ALA A 132 -26.83 8.08 -1.90
N GLU A 133 -28.01 7.45 -1.78
CA GLU A 133 -29.25 8.21 -1.79
C GLU A 133 -29.36 9.12 -0.58
N ARG A 134 -28.70 8.76 0.54
CA ARG A 134 -28.77 9.60 1.72
C ARG A 134 -27.94 10.87 1.56
N TYR A 135 -26.71 10.74 1.04
CA TYR A 135 -25.79 11.86 0.90
C TYR A 135 -25.72 12.35 -0.54
N ARG A 136 -26.80 12.22 -1.31
CA ARG A 136 -26.77 12.62 -2.71
C ARG A 136 -26.68 14.13 -2.89
N ASN A 137 -27.04 14.90 -1.86
CA ASN A 137 -27.07 16.36 -1.93
C ASN A 137 -25.93 17.00 -1.13
N GLN A 138 -24.86 16.26 -0.87
CA GLN A 138 -23.73 16.80 -0.14
C GLN A 138 -22.75 17.49 -1.10
N PRO A 139 -22.07 18.55 -0.65
CA PRO A 139 -21.16 19.28 -1.54
C PRO A 139 -19.96 18.45 -1.99
N GLY A 140 -19.11 19.04 -2.83
CA GLY A 140 -17.94 18.35 -3.35
C GLY A 140 -16.94 17.93 -2.29
N SER A 141 -17.08 18.41 -1.06
CA SER A 141 -16.20 18.03 0.02
C SER A 141 -16.55 16.68 0.65
N VAL A 142 -17.44 15.92 0.03
CA VAL A 142 -17.86 14.61 0.55
C VAL A 142 -17.54 13.57 -0.53
N TYR A 143 -16.67 12.62 -0.20
CA TYR A 143 -16.17 11.62 -1.13
C TYR A 143 -16.66 10.24 -0.73
N PHE A 144 -16.79 9.36 -1.71
CA PHE A 144 -17.19 7.98 -1.49
C PHE A 144 -16.02 7.04 -1.76
N GLU A 145 -15.96 5.95 -0.99
CA GLU A 145 -14.99 4.88 -1.22
C GLU A 145 -15.71 3.55 -1.17
N LEU A 146 -15.71 2.85 -2.31
CA LEU A 146 -16.59 1.69 -2.49
C LEU A 146 -16.28 0.58 -1.50
N LEU A 147 -15.02 0.18 -1.41
CA LEU A 147 -14.65 -0.91 -0.53
C LEU A 147 -13.20 -0.75 -0.11
N ASN A 148 -12.98 -0.71 1.21
CA ASN A 148 -11.63 -0.65 1.75
C ASN A 148 -10.96 -2.02 1.67
N GLU A 149 -9.69 -2.02 1.27
CA GLU A 149 -8.80 -3.17 1.22
C GLU A 149 -9.51 -4.47 0.85
N PRO A 150 -9.96 -4.62 -0.39
CA PRO A 150 -10.56 -5.90 -0.80
C PRO A 150 -9.54 -7.04 -0.71
N HIS A 151 -10.00 -8.17 -0.20
CA HIS A 151 -9.12 -9.32 0.00
C HIS A 151 -9.90 -10.62 -0.09
N GLY A 152 -9.37 -11.68 0.54
CA GLY A 152 -10.02 -12.98 0.56
C GLY A 152 -10.29 -13.52 -0.83
N ARG A 153 -11.56 -13.56 -1.21
CA ARG A 153 -11.91 -14.08 -2.53
C ARG A 153 -11.57 -13.10 -3.64
N PHE A 154 -11.53 -11.80 -3.33
CA PHE A 154 -11.09 -10.83 -4.31
C PHE A 154 -9.63 -11.03 -4.69
N ASN A 155 -8.83 -11.58 -3.78
CA ASN A 155 -7.47 -11.95 -4.13
C ASN A 155 -7.44 -13.16 -5.06
N ASP A 156 -8.39 -14.08 -4.88
CA ASP A 156 -8.44 -15.28 -5.71
C ASP A 156 -8.73 -14.94 -7.16
N ASN A 157 -9.50 -13.89 -7.41
CA ASN A 157 -9.96 -13.55 -8.74
C ASN A 157 -10.34 -12.08 -8.76
N PRO A 158 -9.38 -11.18 -9.02
CA PRO A 158 -9.68 -9.74 -9.00
C PRO A 158 -10.78 -9.31 -9.97
N GLN A 159 -11.15 -10.15 -10.92
CA GLN A 159 -12.28 -9.83 -11.79
C GLN A 159 -13.58 -9.78 -11.00
N LEU A 160 -13.68 -10.56 -9.92
CA LEU A 160 -14.83 -10.45 -9.03
C LEU A 160 -14.94 -9.03 -8.49
N TRP A 161 -13.84 -8.48 -7.99
CA TRP A 161 -13.86 -7.10 -7.50
C TRP A 161 -14.10 -6.11 -8.63
N ASN A 162 -13.57 -6.36 -9.82
CA ASN A 162 -13.82 -5.46 -10.94
C ASN A 162 -15.31 -5.38 -11.25
N ASP A 163 -15.97 -6.53 -11.41
CA ASP A 163 -17.40 -6.55 -11.69
C ASP A 163 -18.21 -5.96 -10.54
N LEU A 164 -17.83 -6.28 -9.31
CA LEU A 164 -18.58 -5.79 -8.16
C LEU A 164 -18.46 -4.28 -8.03
N LEU A 165 -17.27 -3.72 -8.24
CA LEU A 165 -17.10 -2.28 -8.17
C LEU A 165 -17.80 -1.60 -9.34
N ALA A 166 -17.87 -2.25 -10.50
CA ALA A 166 -18.68 -1.72 -11.59
C ALA A 166 -20.15 -1.61 -11.18
N LYS A 167 -20.69 -2.69 -10.59
CA LYS A 167 -22.08 -2.65 -10.15
C LYS A 167 -22.30 -1.58 -9.07
N ALA A 168 -21.36 -1.49 -8.12
CA ALA A 168 -21.51 -0.53 -7.03
C ALA A 168 -21.42 0.90 -7.55
N LEU A 169 -20.53 1.17 -8.50
CA LEU A 169 -20.44 2.49 -9.09
C LEU A 169 -21.70 2.82 -9.88
N ARG A 170 -22.27 1.83 -10.57
CA ARG A 170 -23.56 2.01 -11.21
C ARG A 170 -24.61 2.47 -10.19
N VAL A 171 -24.71 1.73 -9.09
CA VAL A 171 -25.69 2.05 -8.05
C VAL A 171 -25.46 3.48 -7.53
N VAL A 172 -24.20 3.83 -7.26
CA VAL A 172 -23.89 5.14 -6.71
C VAL A 172 -24.25 6.23 -7.71
N ARG A 173 -23.86 6.05 -8.98
CA ARG A 173 -24.12 7.05 -9.99
C ARG A 173 -25.60 7.23 -10.26
N GLU A 174 -26.43 6.25 -9.89
CA GLU A 174 -27.88 6.45 -10.03
C GLU A 174 -28.37 7.68 -9.28
N SER A 175 -27.71 8.05 -8.18
CA SER A 175 -28.09 9.22 -7.40
C SER A 175 -27.00 10.27 -7.28
N ASN A 176 -25.72 9.89 -7.41
CA ASN A 176 -24.60 10.82 -7.39
C ASN A 176 -23.92 10.76 -8.75
N PRO A 177 -24.33 11.59 -9.71
CA PRO A 177 -23.83 11.43 -11.08
C PRO A 177 -22.40 11.92 -11.28
N SER A 178 -21.86 12.76 -10.38
CA SER A 178 -20.52 13.29 -10.60
C SER A 178 -19.71 13.38 -9.31
N ARG A 179 -20.11 12.69 -8.24
CA ARG A 179 -19.35 12.70 -7.00
C ARG A 179 -18.11 11.84 -7.13
N ALA A 180 -17.01 12.32 -6.55
CA ALA A 180 -15.74 11.59 -6.61
C ALA A 180 -15.85 10.27 -5.87
N VAL A 181 -15.61 9.17 -6.58
CA VAL A 181 -15.65 7.83 -6.02
C VAL A 181 -14.23 7.29 -5.98
N ILE A 182 -13.83 6.75 -4.82
CA ILE A 182 -12.48 6.27 -4.60
C ILE A 182 -12.49 4.75 -4.71
N VAL A 183 -11.72 4.22 -5.66
CA VAL A 183 -11.64 2.79 -5.93
C VAL A 183 -10.20 2.34 -5.78
N GLY A 184 -10.02 1.11 -5.31
CA GLY A 184 -8.70 0.55 -5.14
C GLY A 184 -8.58 -0.86 -5.66
N PRO A 185 -7.35 -1.36 -5.79
CA PRO A 185 -7.13 -2.73 -6.24
C PRO A 185 -7.29 -3.72 -5.09
N VAL A 186 -7.15 -5.00 -5.43
CA VAL A 186 -7.25 -6.06 -4.43
C VAL A 186 -5.93 -6.19 -3.69
N GLY A 187 -5.78 -7.27 -2.93
CA GLY A 187 -4.59 -7.45 -2.12
C GLY A 187 -4.46 -6.43 -1.01
N TRP A 188 -5.57 -6.10 -0.35
CA TRP A 188 -5.61 -5.07 0.69
C TRP A 188 -5.15 -3.71 0.14
N ASN A 189 -5.66 -3.37 -1.03
CA ASN A 189 -5.33 -2.12 -1.72
C ASN A 189 -3.82 -1.98 -1.91
N SER A 190 -3.17 -3.06 -2.30
CA SER A 190 -1.74 -3.03 -2.59
C SER A 190 -1.50 -2.47 -3.98
N LEU A 191 -0.57 -1.54 -4.09
CA LEU A 191 -0.25 -0.97 -5.41
C LEU A 191 0.28 -2.04 -6.35
N TRP A 192 0.87 -3.10 -5.81
CA TRP A 192 1.43 -4.17 -6.63
C TRP A 192 0.33 -4.99 -7.29
N ARG A 193 -0.91 -4.53 -7.13
CA ARG A 193 -2.05 -5.16 -7.76
C ARG A 193 -2.78 -4.23 -8.73
N LEU A 194 -2.32 -2.99 -8.87
CA LEU A 194 -2.96 -2.06 -9.80
C LEU A 194 -3.01 -2.62 -11.22
N SER A 195 -2.04 -3.47 -11.57
CA SER A 195 -2.02 -4.06 -12.90
C SER A 195 -3.27 -4.91 -13.17
N GLU A 196 -3.85 -5.51 -12.13
CA GLU A 196 -5.03 -6.34 -12.28
C GLU A 196 -6.33 -5.55 -12.13
N LEU A 197 -6.25 -4.29 -11.74
CA LEU A 197 -7.45 -3.48 -11.54
C LEU A 197 -8.02 -3.02 -12.87
N ARG A 198 -9.33 -3.18 -13.04
CA ARG A 198 -10.03 -2.75 -14.24
C ARG A 198 -11.18 -1.84 -13.82
N LEU A 199 -11.14 -0.58 -14.27
CA LEU A 199 -12.16 0.39 -13.94
C LEU A 199 -13.02 0.70 -15.18
N PRO A 200 -14.27 1.12 -14.99
CA PRO A 200 -15.05 1.62 -16.12
C PRO A 200 -14.53 2.97 -16.59
N ASP A 201 -15.11 3.45 -17.68
CA ASP A 201 -14.72 4.75 -18.25
C ASP A 201 -15.36 5.93 -17.53
N ASP A 202 -15.52 5.85 -16.22
CA ASP A 202 -16.12 6.95 -15.49
C ASP A 202 -15.10 8.07 -15.28
N PRO A 203 -15.42 9.32 -15.59
CA PRO A 203 -14.43 10.39 -15.48
C PRO A 203 -14.09 10.77 -14.05
N ASN A 204 -14.99 10.55 -13.09
CA ASN A 204 -14.76 10.98 -11.72
C ASN A 204 -14.39 9.81 -10.81
N LEU A 205 -13.27 9.15 -11.10
CA LEU A 205 -12.76 8.07 -10.28
C LEU A 205 -11.39 8.45 -9.74
N ILE A 206 -11.13 8.09 -8.49
CA ILE A 206 -9.86 8.33 -7.84
C ILE A 206 -9.30 7.00 -7.37
N VAL A 207 -8.15 6.62 -7.91
CA VAL A 207 -7.53 5.35 -7.54
C VAL A 207 -6.79 5.51 -6.23
N THR A 208 -6.86 4.48 -5.39
CA THR A 208 -6.27 4.52 -4.05
C THR A 208 -5.46 3.25 -3.81
N PHE A 209 -4.47 3.38 -2.93
CA PHE A 209 -3.75 2.23 -2.42
C PHE A 209 -3.22 2.57 -1.02
N HIS A 210 -2.85 1.55 -0.28
CA HIS A 210 -2.38 1.70 1.10
C HIS A 210 -0.95 1.19 1.18
N TYR A 211 -0.04 2.05 1.64
CA TYR A 211 1.38 1.73 1.67
C TYR A 211 1.79 1.44 3.10
N TYR A 212 2.21 0.19 3.35
CA TYR A 212 2.73 -0.23 4.65
C TYR A 212 4.07 -0.95 4.52
N ASP A 213 4.75 -0.79 3.39
CA ASP A 213 6.03 -1.45 3.22
C ASP A 213 7.14 -0.65 3.92
N PRO A 214 8.08 -1.33 4.59
CA PRO A 214 8.09 -2.79 4.75
C PRO A 214 7.21 -3.26 5.90
N LEU A 215 6.55 -4.41 5.73
CA LEU A 215 5.68 -4.93 6.77
C LEU A 215 6.44 -5.39 8.01
N GLU A 216 7.71 -5.74 7.87
CA GLU A 216 8.49 -6.15 9.03
C GLU A 216 8.68 -5.01 10.02
N PHE A 217 8.53 -3.76 9.58
CA PHE A 217 8.67 -2.59 10.44
C PHE A 217 7.35 -1.94 10.77
N THR A 218 6.47 -1.74 9.79
CA THR A 218 5.25 -1.01 10.02
C THR A 218 4.28 -1.77 10.92
N HIS A 219 4.34 -3.11 10.91
CA HIS A 219 3.42 -3.92 11.69
C HIS A 219 4.14 -4.80 12.71
N GLN A 220 5.35 -4.43 13.11
CA GLN A 220 6.07 -5.22 14.10
C GLN A 220 5.32 -5.23 15.42
N GLY A 221 5.21 -6.41 16.03
CA GLY A 221 4.50 -6.55 17.29
C GLY A 221 3.01 -6.28 17.20
N ALA A 222 2.40 -6.54 16.05
CA ALA A 222 0.95 -6.36 15.90
C ALA A 222 0.25 -7.62 16.37
N GLU A 223 -0.45 -7.52 17.51
CA GLU A 223 -0.98 -8.68 18.22
C GLU A 223 -2.15 -9.34 17.52
N TRP A 224 -2.54 -8.86 16.33
CA TRP A 224 -3.69 -9.41 15.63
C TRP A 224 -3.29 -10.08 14.31
N LEU A 225 -2.08 -10.64 14.24
CA LEU A 225 -1.58 -11.20 13.00
C LEU A 225 -1.55 -12.72 12.98
N ASN A 226 -0.83 -13.35 13.92
CA ASN A 226 -0.62 -14.80 13.94
C ASN A 226 -0.02 -15.24 12.61
N PRO A 227 1.31 -15.25 12.48
CA PRO A 227 2.26 -14.92 13.55
C PRO A 227 2.42 -13.42 13.82
N VAL A 228 2.44 -13.06 15.10
CA VAL A 228 2.76 -11.70 15.51
C VAL A 228 4.25 -11.50 15.30
N PRO A 229 4.66 -10.56 14.45
CA PRO A 229 6.06 -10.50 14.03
C PRO A 229 6.95 -10.00 15.15
N PRO A 230 8.27 -10.22 15.05
CA PRO A 230 9.17 -9.73 16.10
C PRO A 230 9.18 -8.21 16.17
N THR A 231 9.64 -7.72 17.32
CA THR A 231 9.66 -6.29 17.63
C THR A 231 11.09 -5.76 17.53
N GLY A 232 11.22 -4.45 17.74
CA GLY A 232 12.53 -3.83 17.74
C GLY A 232 13.20 -3.75 16.38
N VAL A 233 12.42 -3.58 15.33
CA VAL A 233 12.95 -3.47 13.97
C VAL A 233 13.23 -1.99 13.69
N VAL A 234 14.48 -1.68 13.37
CA VAL A 234 14.91 -0.30 13.12
C VAL A 234 14.66 0.03 11.65
N TRP A 235 14.40 1.31 11.38
CA TRP A 235 14.21 1.80 10.03
C TRP A 235 15.02 3.08 9.85
N ARG A 236 15.89 3.11 8.84
CA ARG A 236 16.65 4.30 8.50
C ARG A 236 16.68 4.46 7.00
N GLU A 237 16.90 5.71 6.56
CA GLU A 237 16.95 6.00 5.12
C GLU A 237 18.19 5.40 4.46
N ASN A 238 19.19 5.00 5.26
CA ASN A 238 20.36 4.31 4.74
C ASN A 238 20.32 2.81 4.99
N GLN A 239 19.33 2.33 5.74
CA GLN A 239 19.19 0.90 5.99
C GLN A 239 19.01 0.16 4.68
N GLY A 240 19.89 -0.80 4.41
CA GLY A 240 19.86 -1.51 3.15
C GLY A 240 18.58 -2.31 2.96
N ALA A 241 18.15 -2.40 1.71
CA ALA A 241 16.91 -3.07 1.36
C ALA A 241 16.94 -3.46 -0.11
N PHE A 242 16.06 -4.37 -0.47
CA PHE A 242 15.85 -4.73 -1.87
C PHE A 242 14.82 -3.80 -2.49
N ALA A 243 14.73 -3.85 -3.82
CA ALA A 243 13.79 -3.00 -4.53
C ALA A 243 12.37 -3.32 -4.08
N ALA A 244 11.52 -2.29 -4.06
CA ALA A 244 10.15 -2.46 -3.59
C ALA A 244 9.42 -3.49 -4.44
N GLY A 245 8.73 -4.41 -3.76
CA GLY A 245 8.02 -5.47 -4.44
C GLY A 245 8.81 -6.74 -4.69
N TRP A 246 10.08 -6.78 -4.25
CA TRP A 246 10.95 -7.93 -4.46
C TRP A 246 11.24 -8.59 -3.12
N GLN A 247 10.85 -9.85 -3.00
CA GLN A 247 11.05 -10.63 -1.78
C GLN A 247 12.24 -11.56 -1.92
N ASN A 248 12.86 -11.88 -0.79
CA ASN A 248 14.06 -12.72 -0.74
C ASN A 248 13.63 -14.18 -0.69
N TRP A 249 13.81 -14.89 -1.81
CA TRP A 249 13.50 -16.31 -1.89
C TRP A 249 14.76 -17.16 -1.98
N SER A 250 15.87 -16.66 -1.46
CA SER A 250 17.14 -17.37 -1.56
C SER A 250 17.11 -18.66 -0.73
N TRP A 251 17.66 -19.73 -1.29
CA TRP A 251 17.67 -21.03 -0.64
C TRP A 251 19.10 -21.45 -0.34
N GLY A 252 19.31 -21.97 0.86
CA GLY A 252 20.61 -22.52 1.24
C GLY A 252 21.75 -21.53 1.20
N SER A 253 21.49 -20.27 1.55
CA SER A 253 22.52 -19.25 1.53
C SER A 253 22.23 -18.21 2.61
N ARG A 254 23.29 -17.69 3.23
CA ARG A 254 23.16 -16.58 4.16
C ARG A 254 23.20 -15.29 3.36
N VAL A 255 22.06 -14.63 3.25
CA VAL A 255 21.92 -13.38 2.51
C VAL A 255 21.59 -12.28 3.51
N GLY A 256 22.46 -11.27 3.59
CA GLY A 256 22.23 -10.21 4.55
C GLY A 256 22.78 -8.85 4.19
N PHE A 257 22.01 -7.79 4.45
CA PHE A 257 22.51 -6.44 4.26
C PHE A 257 23.46 -6.09 5.40
N VAL A 258 24.75 -6.02 5.10
CA VAL A 258 25.76 -5.74 6.11
C VAL A 258 26.01 -4.23 6.16
N GLY A 259 26.65 -3.70 5.11
CA GLY A 259 26.85 -2.27 5.00
C GLY A 259 25.91 -1.67 3.98
N GLU A 260 26.47 -1.00 2.98
CA GLU A 260 25.68 -0.54 1.84
C GLU A 260 25.51 -1.62 0.77
N ALA A 261 26.35 -2.65 0.80
CA ALA A 261 26.27 -3.77 -0.12
C ALA A 261 25.54 -4.93 0.53
N LEU A 262 25.58 -6.09 -0.10
CA LEU A 262 24.82 -7.26 0.35
C LEU A 262 25.75 -8.46 0.45
N GLU A 263 25.94 -8.98 1.66
CA GLU A 263 26.78 -10.15 1.86
C GLU A 263 26.01 -11.41 1.49
N ILE A 264 26.63 -12.25 0.66
CA ILE A 264 26.06 -13.54 0.26
C ILE A 264 27.06 -14.62 0.59
N THR A 265 26.62 -15.63 1.35
CA THR A 265 27.41 -16.80 1.67
C THR A 265 26.67 -18.02 1.13
N TYR A 266 27.15 -18.55 0.01
CA TYR A 266 26.60 -19.78 -0.56
C TYR A 266 26.93 -20.94 0.36
N GLN A 267 25.92 -21.46 1.05
CA GLN A 267 26.14 -22.45 2.10
C GLN A 267 26.12 -23.89 1.62
N GLU A 268 25.74 -24.13 0.36
CA GLU A 268 25.72 -25.49 -0.17
C GLU A 268 25.80 -25.42 -1.69
N GLY A 269 25.95 -26.60 -2.29
CA GLY A 269 26.05 -26.71 -3.74
C GLY A 269 24.77 -26.29 -4.45
N TRP A 270 24.92 -25.50 -5.51
CA TRP A 270 23.82 -25.03 -6.33
C TRP A 270 22.82 -24.19 -5.55
N ALA A 271 23.24 -23.61 -4.43
CA ALA A 271 22.40 -22.64 -3.74
C ALA A 271 22.31 -21.36 -4.57
N GLY A 272 21.25 -20.58 -4.33
CA GLY A 272 21.04 -19.42 -5.16
C GLY A 272 20.46 -18.20 -4.47
N PHE A 273 20.93 -17.02 -4.87
CA PHE A 273 20.31 -15.77 -4.48
C PHE A 273 19.10 -15.52 -5.36
N TYR A 274 17.92 -15.43 -4.74
CA TYR A 274 16.65 -15.42 -5.45
C TYR A 274 15.85 -14.18 -5.04
N LEU A 275 15.42 -13.41 -6.03
CA LEU A 275 14.51 -12.28 -5.82
C LEU A 275 13.25 -12.51 -6.65
N HIS A 276 12.10 -12.53 -5.98
CA HIS A 276 10.81 -12.74 -6.64
C HIS A 276 9.95 -11.49 -6.48
N SER A 277 9.18 -11.19 -7.52
CA SER A 277 8.25 -10.07 -7.51
C SER A 277 6.92 -10.54 -8.07
N ASP A 278 5.88 -10.56 -7.22
CA ASP A 278 4.56 -10.95 -7.69
C ASP A 278 4.04 -10.01 -8.77
N ALA A 279 4.31 -8.71 -8.62
CA ALA A 279 3.90 -7.75 -9.63
C ALA A 279 4.71 -7.91 -10.91
N GLY A 280 6.03 -7.81 -10.82
CA GLY A 280 6.89 -7.90 -11.97
C GLY A 280 7.20 -6.54 -12.57
N VAL A 281 8.11 -6.56 -13.54
CA VAL A 281 8.55 -5.34 -14.22
C VAL A 281 8.65 -5.63 -15.72
N GLU A 282 8.53 -4.56 -16.51
CA GLU A 282 8.63 -4.65 -17.96
C GLU A 282 9.50 -3.51 -18.47
N GLY A 283 10.04 -3.69 -19.67
CA GLY A 283 10.84 -2.67 -20.30
C GLY A 283 12.32 -2.73 -19.99
N TYR A 284 12.85 -3.89 -19.62
CA TYR A 284 14.26 -4.06 -19.33
C TYR A 284 14.84 -5.14 -20.23
N ASP A 285 16.08 -4.93 -20.68
CA ASP A 285 16.72 -5.84 -21.62
C ASP A 285 17.96 -6.54 -21.10
N ARG A 286 18.65 -5.97 -20.10
CA ARG A 286 19.82 -6.62 -19.54
C ARG A 286 19.94 -6.30 -18.06
N LEU A 287 20.59 -7.20 -17.34
CA LEU A 287 20.80 -7.11 -15.90
C LEU A 287 22.28 -6.89 -15.62
N ALA A 288 22.59 -5.91 -14.77
CA ALA A 288 23.95 -5.56 -14.42
C ALA A 288 24.19 -5.83 -12.94
N PHE A 289 25.36 -6.36 -12.62
CA PHE A 289 25.71 -6.65 -11.24
C PHE A 289 27.22 -6.65 -11.06
N ARG A 290 27.66 -6.36 -9.84
CA ARG A 290 29.08 -6.30 -9.52
C ARG A 290 29.29 -6.95 -8.15
N THR A 291 30.35 -7.75 -8.04
CA THR A 291 30.68 -8.43 -6.80
C THR A 291 32.10 -8.09 -6.39
N SER A 292 32.41 -8.35 -5.11
CA SER A 292 33.71 -8.00 -4.56
C SER A 292 34.79 -8.98 -4.95
N ALA A 293 34.44 -10.23 -5.23
CA ALA A 293 35.39 -11.29 -5.53
C ALA A 293 34.91 -12.07 -6.75
N PRO A 294 35.83 -12.76 -7.45
CA PRO A 294 35.41 -13.58 -8.59
C PRO A 294 34.56 -14.76 -8.16
N VAL A 295 33.38 -14.89 -8.77
CA VAL A 295 32.42 -15.94 -8.46
C VAL A 295 31.89 -16.51 -9.77
N SER A 296 31.69 -17.83 -9.81
CA SER A 296 31.03 -18.48 -10.93
C SER A 296 29.54 -18.58 -10.65
N LEU A 297 28.72 -18.18 -11.63
CA LEU A 297 27.29 -18.07 -11.40
C LEU A 297 26.51 -18.57 -12.61
N GLN A 298 25.29 -19.02 -12.34
CA GLN A 298 24.26 -19.25 -13.35
C GLN A 298 23.21 -18.16 -13.18
N VAL A 299 22.98 -17.37 -14.22
CA VAL A 299 22.03 -16.27 -14.17
C VAL A 299 20.74 -16.75 -14.83
N SER A 300 19.61 -16.51 -14.14
CA SER A 300 18.31 -16.91 -14.66
C SER A 300 17.29 -15.82 -14.35
N CYS A 301 16.72 -15.23 -15.40
CA CYS A 301 15.63 -14.28 -15.26
C CYS A 301 14.27 -14.91 -15.50
N ARG A 302 14.23 -16.20 -15.85
CA ARG A 302 12.99 -16.93 -16.05
C ARG A 302 13.16 -18.31 -15.43
N ARG A 303 12.30 -18.65 -14.48
CA ARG A 303 12.36 -19.96 -13.86
C ARG A 303 11.99 -21.04 -14.87
N ASP A 304 12.56 -22.23 -14.68
CA ASP A 304 12.38 -23.35 -15.60
C ASP A 304 12.78 -22.94 -17.02
N ALA A 305 13.98 -22.39 -17.14
CA ALA A 305 14.46 -21.88 -18.41
C ALA A 305 15.98 -21.98 -18.43
N PRO A 306 16.60 -21.97 -19.61
CA PRO A 306 18.07 -22.09 -19.67
C PRO A 306 18.79 -20.90 -19.06
N ALA A 307 19.44 -21.13 -17.92
CA ALA A 307 20.29 -20.12 -17.32
C ALA A 307 21.59 -19.98 -18.12
N LYS A 308 22.31 -18.90 -17.86
CA LYS A 308 23.57 -18.64 -18.55
C LYS A 308 24.71 -18.58 -17.55
N ALA A 309 25.81 -19.27 -17.87
CA ALA A 309 26.96 -19.37 -16.98
C ALA A 309 27.88 -18.18 -17.22
N VAL A 310 28.17 -17.43 -16.15
CA VAL A 310 29.04 -16.26 -16.21
C VAL A 310 30.03 -16.31 -15.06
N THR A 311 31.27 -15.93 -15.33
CA THR A 311 32.34 -15.92 -14.33
C THR A 311 32.65 -14.48 -13.94
N THR A 312 32.70 -14.20 -12.64
CA THR A 312 32.86 -12.85 -12.14
C THR A 312 34.34 -12.54 -11.88
N SER A 313 34.59 -11.28 -11.51
CA SER A 313 35.91 -10.82 -11.12
C SER A 313 35.73 -9.58 -10.25
N GLY A 314 36.60 -9.43 -9.25
CA GLY A 314 36.35 -8.47 -8.19
C GLY A 314 36.30 -7.04 -8.71
N GLY A 315 35.40 -6.26 -8.13
CA GLY A 315 35.27 -4.85 -8.47
C GLY A 315 34.98 -4.57 -9.92
N VAL A 316 34.41 -5.53 -10.64
CA VAL A 316 34.23 -5.43 -12.09
C VAL A 316 32.76 -5.71 -12.40
N GLU A 317 32.11 -4.77 -13.07
CA GLU A 317 30.72 -4.93 -13.43
C GLU A 317 30.54 -6.03 -14.46
N THR A 318 29.33 -6.58 -14.51
CA THR A 318 29.00 -7.64 -15.46
C THR A 318 27.55 -7.46 -15.88
N VAL A 319 27.32 -7.37 -17.19
CA VAL A 319 26.02 -7.09 -17.76
C VAL A 319 25.64 -8.26 -18.66
N VAL A 320 24.49 -8.88 -18.38
CA VAL A 320 24.00 -10.03 -19.14
C VAL A 320 22.64 -9.66 -19.73
N ASN A 321 22.51 -9.82 -21.05
CA ASN A 321 21.23 -9.55 -21.70
C ASN A 321 20.19 -10.56 -21.22
N LEU A 322 19.00 -10.06 -20.90
CA LEU A 322 17.91 -10.93 -20.46
C LEU A 322 17.52 -11.94 -21.53
N SER A 323 17.83 -11.67 -22.80
CA SER A 323 17.51 -12.59 -23.87
C SER A 323 18.29 -13.90 -23.76
N GLU A 324 19.38 -13.91 -22.97
CA GLU A 324 20.27 -15.06 -22.89
C GLU A 324 20.15 -15.82 -21.58
N CYS A 325 19.12 -15.53 -20.77
CA CYS A 325 18.94 -16.23 -19.50
C CYS A 325 17.47 -16.51 -19.21
N GLY A 326 16.63 -16.58 -20.23
CA GLY A 326 15.22 -16.86 -20.04
C GLY A 326 14.33 -16.06 -20.97
N ASN A 327 14.71 -14.81 -21.23
CA ASN A 327 13.98 -13.88 -22.09
C ASN A 327 12.52 -13.77 -21.65
N PRO A 328 12.23 -13.22 -20.48
CA PRO A 328 10.84 -13.12 -20.04
C PRO A 328 10.16 -11.86 -20.54
N SER A 329 8.89 -12.01 -20.92
CA SER A 329 8.09 -10.84 -21.27
C SER A 329 7.86 -9.96 -20.05
N ARG A 330 7.55 -10.58 -18.91
CA ARG A 330 7.42 -9.89 -17.64
C ARG A 330 8.38 -10.51 -16.65
N LEU A 331 9.32 -9.72 -16.15
CA LEU A 331 10.37 -10.21 -15.27
C LEU A 331 9.82 -10.33 -13.85
N THR A 332 9.68 -11.57 -13.37
CA THR A 332 9.17 -11.83 -12.03
C THR A 332 10.18 -12.51 -11.11
N ASP A 333 11.10 -13.30 -11.66
CA ASP A 333 12.05 -14.07 -10.87
C ASP A 333 13.46 -13.77 -11.35
N LEU A 334 14.39 -13.64 -10.41
CA LEU A 334 15.79 -13.40 -10.74
C LEU A 334 16.65 -14.25 -9.81
N ILE A 335 17.52 -15.07 -10.39
CA ILE A 335 18.32 -16.03 -9.62
C ILE A 335 19.77 -15.94 -10.06
N LEU A 336 20.66 -15.69 -9.10
CA LEU A 336 22.09 -15.87 -9.26
C LEU A 336 22.45 -17.15 -8.50
N GLN A 337 22.64 -18.24 -9.23
CA GLN A 337 22.83 -19.56 -8.64
C GLN A 337 24.31 -19.88 -8.58
N ASN A 338 24.74 -20.43 -7.43
CA ASN A 338 26.11 -20.86 -7.26
C ASN A 338 26.46 -21.98 -8.23
N ASN A 339 27.09 -21.64 -9.36
CA ASN A 339 27.49 -22.62 -10.35
C ASN A 339 28.63 -23.47 -9.83
N SER A 340 28.36 -24.28 -8.79
CA SER A 340 29.39 -25.09 -8.16
C SER A 340 28.71 -26.16 -7.32
N PRO A 341 29.20 -27.40 -7.32
CA PRO A 341 28.60 -28.44 -6.46
C PRO A 341 28.94 -28.29 -5.00
N ASN A 342 29.81 -27.35 -4.63
CA ASN A 342 30.21 -27.14 -3.25
C ASN A 342 29.81 -25.74 -2.80
N ALA A 343 29.93 -25.51 -1.50
CA ALA A 343 29.72 -24.18 -0.95
C ALA A 343 30.85 -23.24 -1.38
N ARG A 344 30.70 -21.97 -1.05
CA ARG A 344 31.67 -20.96 -1.42
C ARG A 344 31.79 -19.92 -0.31
N ALA A 345 32.96 -19.29 -0.25
CA ALA A 345 33.19 -18.25 0.74
C ALA A 345 32.26 -17.05 0.48
N ALA A 346 32.01 -16.29 1.54
CA ALA A 346 31.12 -15.14 1.44
C ALA A 346 31.72 -14.06 0.55
N PHE A 347 30.85 -13.32 -0.13
CA PHE A 347 31.27 -12.19 -0.95
C PHE A 347 30.24 -11.08 -0.81
N ARG A 348 30.50 -9.96 -1.48
CA ARG A 348 29.65 -8.76 -1.38
C ARG A 348 29.12 -8.41 -2.76
N LEU A 349 27.82 -8.61 -2.96
CA LEU A 349 27.13 -8.03 -4.11
C LEU A 349 26.99 -6.54 -3.86
N GLU A 350 27.73 -5.73 -4.62
CA GLU A 350 27.73 -4.28 -4.46
C GLU A 350 26.81 -3.56 -5.42
N ARG A 351 26.41 -4.21 -6.51
CA ARG A 351 25.48 -3.63 -7.46
C ARG A 351 24.57 -4.71 -8.00
N LEU A 352 23.33 -4.32 -8.31
CA LEU A 352 22.35 -5.20 -8.91
C LEU A 352 21.20 -4.37 -9.47
N GLU A 353 21.17 -4.15 -10.77
CA GLU A 353 20.15 -3.29 -11.36
C GLU A 353 19.80 -3.77 -12.76
N LEU A 354 18.55 -3.55 -13.14
CA LEU A 354 18.06 -3.83 -14.48
C LEU A 354 18.07 -2.55 -15.30
N ARG A 355 18.42 -2.67 -16.57
CA ARG A 355 18.50 -1.52 -17.46
C ARG A 355 17.73 -1.81 -18.75
N GLY A 356 17.28 -0.74 -19.38
CA GLY A 356 16.58 -0.82 -20.64
C GLY A 356 16.66 0.49 -21.39
N PRO A 357 15.78 0.68 -22.37
CA PRO A 357 15.74 1.97 -23.08
C PRO A 357 15.40 3.15 -22.17
N GLY A 358 14.78 2.91 -21.01
CA GLY A 358 14.44 3.98 -20.10
C GLY A 358 15.26 3.99 -18.83
N SER A 359 14.68 4.50 -17.76
CA SER A 359 15.38 4.61 -16.49
C SER A 359 15.68 3.22 -15.92
N PRO A 360 16.80 3.06 -15.22
CA PRO A 360 17.14 1.77 -14.62
C PRO A 360 16.30 1.48 -13.39
N LEU A 361 16.57 0.33 -12.77
CA LEU A 361 15.87 -0.10 -11.56
C LEU A 361 16.89 -0.74 -10.63
N ALA A 362 17.27 -0.02 -9.57
CA ALA A 362 18.26 -0.52 -8.61
C ALA A 362 17.61 -1.56 -7.72
N LEU A 363 17.99 -2.83 -7.90
CA LEU A 363 17.43 -3.88 -7.06
C LEU A 363 18.02 -3.86 -5.66
N LEU A 364 19.27 -3.42 -5.52
CA LEU A 364 19.85 -3.12 -4.21
C LEU A 364 19.71 -1.62 -3.96
N THR A 365 19.27 -1.26 -2.76
CA THR A 365 19.08 0.14 -2.45
C THR A 365 18.95 0.28 -0.93
N HIS A 366 18.35 1.37 -0.48
CA HIS A 366 17.98 1.57 0.90
C HIS A 366 16.46 1.66 0.99
N GLN A 367 15.95 1.74 2.21
CA GLN A 367 14.51 1.86 2.41
C GLN A 367 13.96 3.12 1.75
N GLN A 368 14.76 4.20 1.73
CA GLN A 368 14.33 5.46 1.12
C GLN A 368 14.03 5.29 -0.36
N ASN A 369 15.03 4.84 -1.13
CA ASN A 369 14.80 4.66 -2.55
C ASN A 369 13.87 3.49 -2.83
N ALA A 370 13.66 2.59 -1.87
CA ALA A 370 12.63 1.57 -2.03
C ALA A 370 11.24 2.20 -2.02
N ILE A 371 10.99 3.08 -1.05
CA ILE A 371 9.76 3.88 -1.07
C ILE A 371 9.65 4.66 -2.38
N ALA A 372 10.78 5.22 -2.83
CA ALA A 372 10.78 5.98 -4.08
C ALA A 372 10.36 5.10 -5.26
N GLN A 373 10.90 3.89 -5.34
CA GLN A 373 10.58 2.99 -6.44
C GLN A 373 9.11 2.57 -6.39
N ALA A 374 8.58 2.30 -5.20
CA ALA A 374 7.17 1.96 -5.07
C ALA A 374 6.30 3.12 -5.59
N MET A 375 6.61 4.34 -5.17
CA MET A 375 5.84 5.48 -5.63
C MET A 375 6.02 5.71 -7.14
N GLU A 376 7.18 5.38 -7.69
CA GLU A 376 7.38 5.52 -9.12
C GLU A 376 6.54 4.52 -9.90
N PHE A 377 6.47 3.27 -9.43
CA PHE A 377 5.57 2.30 -10.04
C PHE A 377 4.13 2.78 -9.99
N ALA A 378 3.70 3.27 -8.83
CA ALA A 378 2.34 3.78 -8.70
C ALA A 378 2.08 4.93 -9.66
N GLN A 379 3.03 5.86 -9.78
CA GLN A 379 2.83 7.01 -10.64
C GLN A 379 2.84 6.61 -12.11
N ARG A 380 3.65 5.63 -12.48
CA ARG A 380 3.63 5.14 -13.86
C ARG A 380 2.27 4.55 -14.20
N TRP A 381 1.72 3.71 -13.30
CA TRP A 381 0.38 3.18 -13.54
C TRP A 381 -0.64 4.31 -13.64
N ALA A 382 -0.56 5.29 -12.74
CA ALA A 382 -1.54 6.37 -12.72
C ALA A 382 -1.48 7.19 -14.01
N GLU A 383 -0.27 7.47 -14.49
CA GLU A 383 -0.13 8.28 -15.70
C GLU A 383 -0.56 7.50 -16.93
N GLN A 384 -0.25 6.20 -16.99
CA GLN A 384 -0.68 5.42 -18.15
C GLN A 384 -2.20 5.22 -18.17
N ASN A 385 -2.84 5.18 -17.00
CA ASN A 385 -4.29 5.05 -16.94
C ASN A 385 -5.00 6.38 -16.72
N ARG A 386 -4.25 7.46 -16.52
CA ARG A 386 -4.80 8.80 -16.39
C ARG A 386 -5.86 8.87 -15.28
N ARG A 387 -5.41 8.53 -14.07
CA ARG A 387 -6.26 8.52 -12.89
C ARG A 387 -5.52 9.22 -11.75
N PRO A 388 -6.17 10.10 -11.00
CA PRO A 388 -5.54 10.67 -9.81
C PRO A 388 -5.38 9.62 -8.72
N ILE A 389 -4.40 9.86 -7.85
CA ILE A 389 -4.01 8.89 -6.82
C ILE A 389 -4.25 9.51 -5.45
N PHE A 390 -4.87 8.73 -4.56
CA PHE A 390 -5.09 9.11 -3.17
C PHE A 390 -4.70 7.93 -2.30
N VAL A 391 -3.60 8.08 -1.55
CA VAL A 391 -3.15 7.02 -0.67
C VAL A 391 -3.97 7.07 0.62
N GLY A 392 -4.85 6.08 0.80
CA GLY A 392 -5.80 6.13 1.89
C GLY A 392 -5.23 5.80 3.25
N GLU A 393 -4.18 4.98 3.31
CA GLU A 393 -3.65 4.52 4.59
C GLU A 393 -2.14 4.34 4.50
N PHE A 394 -1.43 4.86 5.50
CA PHE A 394 0.00 4.61 5.67
C PHE A 394 0.39 5.03 7.07
N GLY A 395 1.27 4.23 7.69
CA GLY A 395 1.71 4.52 9.04
C GLY A 395 2.43 3.34 9.66
N ALA A 396 3.16 3.60 10.75
CA ALA A 396 3.92 2.58 11.47
C ALA A 396 3.33 2.38 12.85
N TYR A 397 3.31 1.12 13.29
CA TYR A 397 2.75 0.77 14.58
C TYR A 397 3.58 1.37 15.72
N GLU A 398 2.94 1.51 16.88
CA GLU A 398 3.60 2.09 18.04
C GLU A 398 4.64 1.16 18.67
N LYS A 399 4.67 -0.11 18.28
CA LYS A 399 5.65 -1.04 18.84
C LYS A 399 7.06 -0.78 18.34
N GLY A 400 7.23 0.00 17.28
CA GLY A 400 8.55 0.40 16.85
C GLY A 400 9.02 1.67 17.55
N ASP A 401 10.33 1.85 17.58
CA ASP A 401 10.89 3.03 18.24
C ASP A 401 10.44 4.30 17.54
N LEU A 402 10.28 5.36 18.33
CA LEU A 402 9.64 6.58 17.81
C LEU A 402 10.47 7.22 16.71
N ASP A 403 11.80 7.16 16.81
CA ASP A 403 12.65 7.79 15.81
C ASP A 403 12.46 7.14 14.44
N SER A 404 12.47 5.81 14.41
CA SER A 404 12.29 5.10 13.14
C SER A 404 10.90 5.36 12.56
N ARG A 405 9.89 5.42 13.42
CA ARG A 405 8.54 5.73 12.95
C ARG A 405 8.48 7.12 12.33
N VAL A 406 9.09 8.11 12.99
CA VAL A 406 9.09 9.47 12.46
C VAL A 406 9.81 9.52 11.13
N ARG A 407 10.96 8.84 11.03
CA ARG A 407 11.71 8.85 9.78
C ARG A 407 10.92 8.20 8.65
N TRP A 408 10.31 7.04 8.92
CA TRP A 408 9.53 6.36 7.90
C TRP A 408 8.32 7.19 7.46
N THR A 409 7.61 7.78 8.42
CA THR A 409 6.43 8.57 8.10
C THR A 409 6.81 9.80 7.28
N GLY A 410 7.88 10.49 7.68
CA GLY A 410 8.33 11.64 6.91
C GLY A 410 8.76 11.27 5.51
N ALA A 411 9.49 10.16 5.37
CA ALA A 411 9.94 9.71 4.05
C ALA A 411 8.75 9.39 3.15
N VAL A 412 7.77 8.66 3.70
CA VAL A 412 6.61 8.29 2.89
C VAL A 412 5.81 9.54 2.51
N ARG A 413 5.61 10.47 3.45
CA ARG A 413 4.88 11.69 3.14
C ARG A 413 5.60 12.51 2.07
N SER A 414 6.92 12.63 2.18
CA SER A 414 7.68 13.39 1.18
C SER A 414 7.60 12.75 -0.19
N GLU A 415 7.79 11.43 -0.26
CA GLU A 415 7.72 10.75 -1.54
C GLU A 415 6.31 10.69 -2.11
N LEU A 416 5.29 10.82 -1.26
CA LEU A 416 3.92 10.92 -1.74
C LEU A 416 3.64 12.29 -2.35
N GLU A 417 4.05 13.36 -1.64
CA GLU A 417 3.82 14.70 -2.16
C GLU A 417 4.74 15.03 -3.33
N LYS A 418 5.84 14.29 -3.50
CA LYS A 418 6.64 14.43 -4.71
C LYS A 418 5.88 13.95 -5.94
N ARG A 419 5.15 12.84 -5.79
CA ARG A 419 4.38 12.26 -6.88
C ARG A 419 3.02 12.93 -7.06
N ASN A 420 2.75 14.02 -6.35
CA ASN A 420 1.45 14.70 -6.38
C ASN A 420 0.33 13.74 -5.98
N PHE A 421 0.54 13.04 -4.87
CA PHE A 421 -0.44 12.12 -4.31
C PHE A 421 -1.11 12.77 -3.10
N SER A 422 -2.44 12.75 -3.08
CA SER A 422 -3.16 13.04 -1.85
C SER A 422 -3.10 11.82 -0.94
N TRP A 423 -3.05 12.08 0.37
CA TRP A 423 -2.85 10.99 1.33
C TRP A 423 -3.65 11.23 2.59
N ALA A 424 -3.95 10.14 3.28
CA ALA A 424 -4.63 10.15 4.58
C ALA A 424 -3.84 9.25 5.52
N TYR A 425 -3.18 9.86 6.50
CA TYR A 425 -2.40 9.10 7.46
C TYR A 425 -3.30 8.18 8.29
N TRP A 426 -2.73 7.07 8.73
CA TRP A 426 -3.36 6.15 9.65
C TRP A 426 -2.44 6.01 10.85
N GLU A 427 -2.92 6.41 12.02
CA GLU A 427 -4.24 7.00 12.19
C GLU A 427 -4.19 8.27 13.03
N PHE A 428 -5.36 8.71 13.53
CA PHE A 428 -5.42 9.94 14.31
C PHE A 428 -5.04 9.70 15.76
N ALA A 429 -5.72 8.78 16.44
CA ALA A 429 -5.45 8.43 17.82
C ALA A 429 -5.16 6.94 17.93
N ALA A 430 -4.87 6.50 19.16
CA ALA A 430 -4.61 5.11 19.50
C ALA A 430 -3.39 4.58 18.75
N GLY A 431 -3.49 3.32 18.34
CA GLY A 431 -2.42 2.53 17.76
C GLY A 431 -1.40 3.28 16.93
N PHE A 432 -1.79 3.68 15.73
CA PHE A 432 -0.93 4.46 14.84
C PHE A 432 -1.15 5.95 15.01
N GLY A 433 -1.81 6.37 16.09
CA GLY A 433 -2.27 7.74 16.18
C GLY A 433 -1.14 8.75 16.37
N ILE A 434 -1.43 9.99 15.97
CA ILE A 434 -0.56 11.13 16.20
C ILE A 434 -1.04 12.00 17.34
N TYR A 435 -2.21 11.69 17.92
CA TYR A 435 -2.77 12.45 19.04
C TYR A 435 -2.88 11.52 20.25
N ASP A 436 -2.26 11.93 21.35
CA ASP A 436 -2.33 11.18 22.61
C ASP A 436 -3.54 11.69 23.39
N ARG A 437 -4.63 10.92 23.35
CA ARG A 437 -5.84 11.29 24.07
C ARG A 437 -5.63 11.30 25.58
N THR A 438 -4.63 10.57 26.08
CA THR A 438 -4.36 10.55 27.51
C THR A 438 -3.77 11.86 27.99
N THR A 439 -2.70 12.32 27.33
CA THR A 439 -2.10 13.61 27.66
C THR A 439 -2.80 14.78 26.98
N ARG A 440 -3.74 14.52 26.08
CA ARG A 440 -4.39 15.56 25.28
C ARG A 440 -3.36 16.37 24.50
N GLN A 441 -2.28 15.72 24.08
CA GLN A 441 -1.16 16.38 23.43
C GLN A 441 -0.86 15.70 22.11
N TRP A 442 -0.45 16.51 21.12
CA TRP A 442 0.00 15.96 19.86
C TRP A 442 1.35 15.27 20.02
N ARG A 443 1.51 14.13 19.36
CA ARG A 443 2.80 13.47 19.27
C ARG A 443 3.62 14.25 18.24
N THR A 444 4.32 15.27 18.71
CA THR A 444 4.84 16.31 17.83
C THR A 444 5.84 15.82 16.78
N PRO A 445 6.80 14.94 17.09
CA PRO A 445 7.70 14.47 16.01
C PRO A 445 6.96 13.82 14.86
N LEU A 446 5.96 12.98 15.16
CA LEU A 446 5.18 12.35 14.10
C LEU A 446 4.36 13.38 13.33
N LEU A 447 3.76 14.35 14.04
CA LEU A 447 2.97 15.38 13.38
C LEU A 447 3.82 16.21 12.43
N LYS A 448 5.05 16.53 12.84
CA LYS A 448 5.94 17.30 11.97
C LYS A 448 6.50 16.44 10.85
N ALA A 449 6.64 15.13 11.07
CA ALA A 449 6.95 14.23 9.96
C ALA A 449 5.81 14.22 8.94
N LEU A 450 4.58 14.43 9.39
CA LEU A 450 3.44 14.60 8.50
C LEU A 450 3.32 16.04 7.99
N VAL A 451 3.31 17.02 8.89
CA VAL A 451 3.15 18.41 8.53
C VAL A 451 4.33 19.20 9.10
N PRO A 452 5.33 19.52 8.28
CA PRO A 452 6.44 20.34 8.76
C PRO A 452 6.30 21.83 8.50
N GLU A 453 5.10 22.28 8.12
CA GLU A 453 4.75 23.67 7.81
C GLU A 453 5.91 24.66 7.68
C2 BGC B . -7.45 -4.64 12.94
C3 BGC B . -8.28 -5.55 13.86
C4 BGC B . -7.88 -5.37 15.31
C5 BGC B . -7.81 -3.89 15.71
C6 BGC B . -7.22 -3.74 17.10
C1 BGC B . -7.49 -3.21 13.46
O1 BGC B . -6.70 -2.37 12.64
O2 BGC B . -7.98 -4.69 11.64
O3 BGC B . -8.11 -6.89 13.46
O4 BGC B . -8.77 -6.04 16.15
O5 BGC B . -7.01 -3.17 14.79
O6 BGC B . -7.89 -4.59 18.00
S SO4 C . -32.35 -8.55 10.68
O1 SO4 C . -33.13 -9.58 11.35
O2 SO4 C . -32.52 -7.28 11.38
O3 SO4 C . -30.94 -8.92 10.69
O4 SO4 C . -32.81 -8.41 9.30
S SO4 D . -14.06 -17.86 -9.27
O1 SO4 D . -14.56 -18.73 -8.21
O2 SO4 D . -13.54 -16.64 -8.70
O3 SO4 D . -13.00 -18.55 -10.01
O4 SO4 D . -15.16 -17.55 -10.19
S SO4 E . 25.58 -0.86 -20.42
O1 SO4 E . 25.75 -2.31 -20.40
O2 SO4 E . 24.76 -0.45 -19.27
O3 SO4 E . 26.88 -0.20 -20.34
O4 SO4 E . 24.90 -0.47 -21.65
S SO4 F . 27.76 1.41 -6.89
O1 SO4 F . 27.11 0.41 -6.04
O2 SO4 F . 28.16 2.55 -6.07
O3 SO4 F . 28.94 0.82 -7.51
O4 SO4 F . 26.83 1.86 -7.92
S SO4 G . 2.06 7.22 25.46
O1 SO4 G . 1.56 5.98 26.06
O2 SO4 G . 2.02 8.29 26.43
O3 SO4 G . 3.43 7.02 25.00
O4 SO4 G . 1.22 7.56 24.30
S SO4 H . -4.09 7.02 22.64
O1 SO4 H . -4.38 5.72 23.25
O2 SO4 H . -3.78 7.98 23.68
O3 SO4 H . -2.94 6.88 21.75
O4 SO4 H . -5.25 7.47 21.88
S SO4 I . 7.47 -15.16 -19.76
O1 SO4 I . 6.90 -16.12 -18.81
O2 SO4 I . 7.74 -13.89 -19.10
O3 SO4 I . 8.73 -15.71 -20.27
O4 SO4 I . 6.54 -14.95 -20.86
S SO4 J . 11.26 5.55 -17.91
O1 SO4 J . 11.47 4.47 -16.96
O2 SO4 J . 10.52 6.65 -17.28
O3 SO4 J . 12.56 6.05 -18.36
O4 SO4 J . 10.49 5.05 -19.05
#